data_8W1T
#
_entry.id   8W1T
#
_cell.length_a   45.146
_cell.length_b   54.223
_cell.length_c   59.906
_cell.angle_alpha   79.60
_cell.angle_beta   70.18
_cell.angle_gamma   88.46
#
_symmetry.space_group_name_H-M   'P 1'
#
loop_
_entity.id
_entity.type
_entity.pdbx_description
1 polymer '3C-like proteinase nsp5'
2 non-polymer 'DIMETHYL SULFOXIDE'
3 non-polymer 1,2-ETHANEDIOL
4 non-polymer 'SULFATE ION'
5 non-polymer (5-bromopyridin-3-yl){4-[(R)-(4-chlorophenyl)(phenyl)methyl]piperazin-1-yl}methanone
6 non-polymer (5-bromopyridin-3-yl){4-[(S)-(4-chlorophenyl)(phenyl)methyl]piperazin-1-yl}methanone
7 non-polymer GLYCEROL
8 water water
#
_entity_poly.entity_id   1
_entity_poly.type   'polypeptide(L)'
_entity_poly.pdbx_seq_one_letter_code
;SGFRKMAFPSGKVEGCMVQVTCGTTTLNGLWLDDVVYCPRHVICTSEDMLNPNYEDLLIRKSNHNFLVQAGNVQLRVIGH
SMQNCVLKLKVDTANPKTPKYKFVRIQPGQTFSVLACYNGSPSGVYQCAMRPNFTIKGSFLNGSCGSVGFNIDYDCVSFC
YMHHMELPTGVHAGTDLEGNFYGPFVDRQTAQAAGTDTTITVNVLAWLYAAVINGDRWFLNRFTTTLNDFNLVAMKYNYE
PLTQDHVDILGPLSAQTGIAVLDMCASLKELLQNGMNGRTILGSALLEDEFTPFDVVRQCSGVTFQ
;
_entity_poly.pdbx_strand_id   A,B
#
# COMPACT_ATOMS: atom_id res chain seq x y z
N SER A 1 6.67 13.96 7.79
CA SER A 1 7.27 13.77 6.48
C SER A 1 7.39 12.29 6.16
N GLY A 2 8.08 11.99 5.08
CA GLY A 2 8.11 10.64 4.55
C GLY A 2 7.23 10.54 3.32
N PHE A 3 7.58 9.62 2.43
CA PHE A 3 6.78 9.42 1.22
C PHE A 3 6.75 7.95 0.87
N ARG A 4 5.54 7.38 0.82
CA ARG A 4 5.37 5.96 0.65
C ARG A 4 4.20 5.72 -0.31
N LYS A 5 4.28 4.66 -1.10
CA LYS A 5 3.11 4.25 -1.85
C LYS A 5 2.05 3.78 -0.86
N MET A 6 0.91 4.46 -0.85
CA MET A 6 -0.13 4.27 0.14
C MET A 6 -1.44 3.91 -0.54
N ALA A 7 -2.10 2.88 -0.02
CA ALA A 7 -3.40 2.47 -0.54
C ALA A 7 -4.50 3.03 0.36
N PHE A 8 -5.72 3.07 -0.15
CA PHE A 8 -6.85 3.44 0.69
C PHE A 8 -7.17 2.28 1.63
N PRO A 9 -7.68 2.58 2.83
CA PRO A 9 -8.17 1.50 3.71
C PRO A 9 -9.24 0.68 2.99
N SER A 10 -9.15 -0.65 3.14
CA SER A 10 -9.91 -1.58 2.31
C SER A 10 -11.23 -2.03 2.91
N GLY A 11 -11.56 -1.61 4.13
CA GLY A 11 -12.68 -2.22 4.84
C GLY A 11 -14.01 -2.10 4.10
N LYS A 12 -14.31 -0.93 3.56
CA LYS A 12 -15.57 -0.73 2.87
C LYS A 12 -15.72 -1.68 1.69
N VAL A 13 -14.60 -2.07 1.08
CA VAL A 13 -14.64 -2.98 -0.05
C VAL A 13 -14.64 -4.43 0.39
N GLU A 14 -13.95 -4.76 1.49
CA GLU A 14 -14.00 -6.11 2.02
C GLU A 14 -15.42 -6.61 2.25
N GLY A 15 -16.28 -5.75 2.81
CA GLY A 15 -17.65 -6.14 3.06
C GLY A 15 -18.49 -6.39 1.82
N CYS A 16 -17.93 -6.22 0.62
CA CYS A 16 -18.66 -6.43 -0.63
C CYS A 16 -18.18 -7.64 -1.40
N MET A 17 -17.08 -8.29 -0.98
CA MET A 17 -16.49 -9.38 -1.76
C MET A 17 -17.18 -10.70 -1.45
N VAL A 18 -17.64 -11.37 -2.51
CA VAL A 18 -18.28 -12.68 -2.42
C VAL A 18 -17.57 -13.66 -3.37
N GLN A 19 -17.92 -14.94 -3.22
CA GLN A 19 -17.39 -16.00 -4.05
C GLN A 19 -18.46 -16.38 -5.06
N VAL A 20 -18.11 -16.46 -6.34
CA VAL A 20 -19.05 -16.88 -7.37
C VAL A 20 -18.53 -18.13 -8.04
N THR A 21 -19.40 -19.13 -8.16
CA THR A 21 -19.05 -20.39 -8.78
C THR A 21 -20.04 -20.71 -9.90
N CYS A 22 -19.51 -21.15 -11.04
CA CYS A 22 -20.30 -21.61 -12.17
C CYS A 22 -19.59 -22.85 -12.70
N GLY A 23 -20.25 -24.00 -12.59
CA GLY A 23 -19.58 -25.23 -12.99
C GLY A 23 -18.33 -25.47 -12.15
N THR A 24 -17.20 -25.69 -12.81
CA THR A 24 -15.95 -25.94 -12.10
C THR A 24 -15.14 -24.68 -11.82
N THR A 25 -15.63 -23.51 -12.22
CA THR A 25 -14.89 -22.26 -12.03
C THR A 25 -15.37 -21.53 -10.79
N THR A 26 -14.41 -20.99 -10.04
CA THR A 26 -14.68 -20.17 -8.87
C THR A 26 -13.86 -18.90 -9.02
N LEU A 27 -14.49 -17.74 -8.83
CA LEU A 27 -13.75 -16.49 -8.80
C LEU A 27 -14.48 -15.54 -7.86
N ASN A 28 -14.08 -14.27 -7.87
CA ASN A 28 -14.63 -13.28 -6.97
C ASN A 28 -15.72 -12.46 -7.64
N GLY A 29 -16.69 -12.02 -6.83
CA GLY A 29 -17.68 -11.09 -7.28
C GLY A 29 -17.81 -9.93 -6.29
N LEU A 30 -18.46 -8.88 -6.77
CA LEU A 30 -18.70 -7.68 -5.98
C LEU A 30 -20.20 -7.56 -5.72
N TRP A 31 -20.58 -7.57 -4.45
CA TRP A 31 -21.98 -7.58 -4.02
C TRP A 31 -22.38 -6.18 -3.54
N LEU A 32 -23.19 -5.49 -4.34
CA LEU A 32 -23.66 -4.14 -4.02
C LEU A 32 -25.16 -4.11 -4.18
N ASP A 33 -25.87 -3.64 -3.15
CA ASP A 33 -27.35 -3.70 -3.13
C ASP A 33 -27.74 -5.14 -3.41
N ASP A 34 -28.67 -5.43 -4.33
CA ASP A 34 -29.06 -6.80 -4.62
C ASP A 34 -28.45 -7.34 -5.91
N VAL A 35 -27.27 -6.86 -6.29
CA VAL A 35 -26.63 -7.29 -7.52
C VAL A 35 -25.20 -7.75 -7.21
N VAL A 36 -24.77 -8.84 -7.83
CA VAL A 36 -23.39 -9.29 -7.78
C VAL A 36 -22.78 -9.09 -9.16
N TYR A 37 -21.63 -8.41 -9.21
CA TYR A 37 -20.89 -8.17 -10.45
C TYR A 37 -19.67 -9.09 -10.50
N CYS A 38 -19.41 -9.70 -11.66
CA CYS A 38 -18.21 -10.49 -11.84
C CYS A 38 -17.88 -10.60 -13.33
N PRO A 39 -16.68 -11.09 -13.68
CA PRO A 39 -16.33 -11.19 -15.11
C PRO A 39 -17.18 -12.20 -15.83
N ARG A 40 -17.61 -11.87 -17.05
CA ARG A 40 -18.52 -12.80 -17.71
C ARG A 40 -17.82 -14.07 -18.16
N HIS A 41 -16.47 -14.11 -18.19
CA HIS A 41 -15.87 -15.37 -18.60
C HIS A 41 -16.03 -16.48 -17.54
N VAL A 42 -16.68 -16.21 -16.41
CA VAL A 42 -17.00 -17.25 -15.45
C VAL A 42 -17.93 -18.30 -16.03
N ILE A 43 -18.70 -17.96 -17.08
CA ILE A 43 -19.62 -18.94 -17.66
C ILE A 43 -18.97 -19.83 -18.70
N CYS A 44 -17.70 -19.61 -19.01
CA CYS A 44 -17.05 -20.33 -20.09
C CYS A 44 -16.33 -21.58 -19.63
N THR A 45 -16.10 -22.47 -20.59
CA THR A 45 -15.14 -23.55 -20.47
C THR A 45 -13.90 -23.21 -21.30
N SER A 46 -12.85 -24.01 -21.10
CA SER A 46 -11.61 -23.83 -21.85
C SER A 46 -11.84 -23.84 -23.35
N GLU A 47 -12.73 -24.71 -23.83
CA GLU A 47 -13.02 -24.78 -25.27
C GLU A 47 -13.85 -23.59 -25.72
N ASP A 48 -14.84 -23.17 -24.92
CA ASP A 48 -15.59 -21.96 -25.24
C ASP A 48 -14.66 -20.78 -25.48
N MET A 49 -13.53 -20.72 -24.77
CA MET A 49 -12.76 -19.49 -24.73
C MET A 49 -12.02 -19.22 -26.03
N LEU A 50 -11.99 -20.19 -26.94
CA LEU A 50 -11.43 -19.96 -28.27
C LEU A 50 -12.33 -19.06 -29.11
N ASN A 51 -13.63 -19.33 -29.11
CA ASN A 51 -14.60 -18.50 -29.84
C ASN A 51 -15.91 -18.47 -29.06
N PRO A 52 -15.96 -17.67 -27.99
CA PRO A 52 -17.14 -17.69 -27.12
C PRO A 52 -18.29 -16.86 -27.68
N ASN A 53 -19.44 -17.50 -27.83
CA ASN A 53 -20.69 -16.80 -28.11
C ASN A 53 -21.35 -16.54 -26.77
N TYR A 54 -20.97 -15.43 -26.12
CA TYR A 54 -21.46 -15.20 -24.76
C TYR A 54 -22.97 -15.10 -24.69
N GLU A 55 -23.62 -14.53 -25.71
CA GLU A 55 -25.07 -14.46 -25.74
C GLU A 55 -25.69 -15.85 -25.69
N ASP A 56 -25.19 -16.76 -26.54
CA ASP A 56 -25.71 -18.13 -26.53
C ASP A 56 -25.34 -18.84 -25.23
N LEU A 57 -24.11 -18.65 -24.75
CA LEU A 57 -23.70 -19.31 -23.52
C LEU A 57 -24.54 -18.85 -22.33
N LEU A 58 -24.88 -17.56 -22.30
CA LEU A 58 -25.67 -17.03 -21.18
C LEU A 58 -27.10 -17.56 -21.23
N ILE A 59 -27.69 -17.68 -22.42
CA ILE A 59 -29.04 -18.24 -22.53
C ILE A 59 -29.06 -19.67 -22.01
N ARG A 60 -27.98 -20.43 -22.28
CA ARG A 60 -27.89 -21.81 -21.81
C ARG A 60 -27.90 -21.90 -20.29
N LYS A 61 -27.27 -20.93 -19.62
CA LYS A 61 -27.17 -20.94 -18.17
C LYS A 61 -28.48 -20.48 -17.53
N SER A 62 -28.81 -21.08 -16.40
CA SER A 62 -29.98 -20.72 -15.60
C SER A 62 -29.51 -20.17 -14.25
N ASN A 63 -30.45 -19.54 -13.53
CA ASN A 63 -30.11 -18.94 -12.25
C ASN A 63 -29.44 -19.94 -11.32
N HIS A 64 -29.94 -21.19 -11.29
CA HIS A 64 -29.38 -22.20 -10.40
C HIS A 64 -28.01 -22.69 -10.83
N ASN A 65 -27.51 -22.29 -12.01
CA ASN A 65 -26.16 -22.65 -12.40
C ASN A 65 -25.10 -21.76 -11.74
N PHE A 66 -25.51 -20.76 -10.98
CA PHE A 66 -24.60 -19.85 -10.29
C PHE A 66 -24.73 -20.02 -8.78
N LEU A 67 -23.61 -20.28 -8.13
CA LEU A 67 -23.55 -20.35 -6.68
C LEU A 67 -22.83 -19.09 -6.19
N VAL A 68 -23.47 -18.32 -5.32
CA VAL A 68 -22.88 -17.13 -4.73
C VAL A 68 -22.81 -17.31 -3.23
N GLN A 69 -21.63 -17.15 -2.65
CA GLN A 69 -21.42 -17.36 -1.23
CA GLN A 69 -21.45 -17.35 -1.22
C GLN A 69 -20.81 -16.11 -0.61
N ALA A 70 -21.45 -15.58 0.43
CA ALA A 70 -20.96 -14.44 1.21
C ALA A 70 -20.60 -14.97 2.59
N GLY A 71 -19.30 -15.16 2.83
CA GLY A 71 -18.90 -15.87 4.03
C GLY A 71 -19.46 -17.28 3.96
N ASN A 72 -20.24 -17.66 4.97
CA ASN A 72 -20.87 -18.98 5.01
C ASN A 72 -22.33 -18.96 4.58
N VAL A 73 -22.78 -17.87 3.95
CA VAL A 73 -24.18 -17.69 3.56
C VAL A 73 -24.30 -17.86 2.07
N GLN A 74 -25.28 -18.65 1.62
CA GLN A 74 -25.54 -18.79 0.19
C GLN A 74 -26.57 -17.76 -0.20
N LEU A 75 -26.27 -16.98 -1.24
CA LEU A 75 -27.24 -16.03 -1.75
C LEU A 75 -27.96 -16.64 -2.94
N ARG A 76 -29.29 -16.55 -2.93
CA ARG A 76 -30.11 -17.13 -3.98
C ARG A 76 -30.11 -16.22 -5.21
N VAL A 77 -29.73 -16.77 -6.37
CA VAL A 77 -29.74 -16.04 -7.63
C VAL A 77 -31.15 -16.07 -8.22
N ILE A 78 -31.71 -14.89 -8.50
CA ILE A 78 -33.06 -14.78 -9.04
C ILE A 78 -33.08 -14.14 -10.42
N GLY A 79 -31.94 -13.77 -10.97
CA GLY A 79 -31.88 -13.26 -12.33
C GLY A 79 -30.44 -13.13 -12.75
N HIS A 80 -30.24 -13.08 -14.07
CA HIS A 80 -28.89 -12.85 -14.57
C HIS A 80 -28.93 -12.12 -15.91
N SER A 81 -27.95 -11.25 -16.11
CA SER A 81 -27.86 -10.49 -17.35
C SER A 81 -26.41 -10.10 -17.56
N MET A 82 -26.15 -9.56 -18.74
CA MET A 82 -24.79 -9.24 -19.14
C MET A 82 -24.73 -7.79 -19.56
N GLN A 83 -23.68 -7.09 -19.15
CA GLN A 83 -23.43 -5.72 -19.59
C GLN A 83 -21.99 -5.68 -20.09
N ASN A 84 -21.81 -5.59 -21.39
CA ASN A 84 -20.48 -5.69 -21.99
C ASN A 84 -19.80 -6.97 -21.49
N CYS A 85 -18.67 -6.85 -20.79
CA CYS A 85 -17.93 -8.03 -20.36
C CYS A 85 -18.12 -8.36 -18.88
N VAL A 86 -19.12 -7.78 -18.20
CA VAL A 86 -19.43 -8.15 -16.82
C VAL A 86 -20.79 -8.83 -16.74
N LEU A 87 -20.85 -9.84 -15.90
CA LEU A 87 -22.09 -10.55 -15.59
C LEU A 87 -22.71 -9.87 -14.39
N LYS A 88 -24.02 -9.63 -14.44
CA LYS A 88 -24.77 -9.11 -13.29
C LYS A 88 -25.72 -10.20 -12.80
N LEU A 89 -25.54 -10.62 -11.55
CA LEU A 89 -26.42 -11.62 -10.94
C LEU A 89 -27.33 -10.92 -9.93
N LYS A 90 -28.63 -10.99 -10.17
CA LYS A 90 -29.59 -10.48 -9.19
C LYS A 90 -29.76 -11.52 -8.08
N VAL A 91 -29.66 -11.08 -6.84
CA VAL A 91 -29.80 -11.98 -5.71
C VAL A 91 -30.98 -11.54 -4.87
N ASP A 92 -31.50 -12.47 -4.07
CA ASP A 92 -32.70 -12.21 -3.30
C ASP A 92 -32.43 -11.43 -2.01
N THR A 93 -31.20 -10.99 -1.79
CA THR A 93 -30.79 -10.30 -0.57
C THR A 93 -29.93 -9.10 -0.93
N ALA A 94 -30.27 -7.93 -0.41
CA ALA A 94 -29.38 -6.77 -0.56
C ALA A 94 -28.25 -6.82 0.46
N ASN A 95 -27.04 -6.49 0.03
CA ASN A 95 -25.91 -6.49 0.92
C ASN A 95 -26.10 -5.46 2.03
N PRO A 96 -26.13 -5.87 3.31
CA PRO A 96 -26.27 -4.89 4.40
C PRO A 96 -25.02 -4.05 4.60
N LYS A 97 -23.88 -4.43 4.01
CA LYS A 97 -22.64 -3.69 4.13
C LYS A 97 -22.33 -2.85 2.88
N THR A 98 -23.30 -2.62 2.02
CA THR A 98 -23.09 -1.81 0.83
C THR A 98 -22.71 -0.39 1.21
N PRO A 99 -21.52 0.10 0.83
CA PRO A 99 -21.17 1.49 1.11
C PRO A 99 -21.85 2.42 0.11
N LYS A 100 -21.71 3.72 0.35
CA LYS A 100 -22.02 4.65 -0.73
C LYS A 100 -20.97 4.49 -1.80
N TYR A 101 -21.40 4.37 -3.05
CA TYR A 101 -20.47 4.02 -4.09
C TYR A 101 -20.88 4.64 -5.42
N LYS A 102 -19.94 4.64 -6.35
CA LYS A 102 -20.27 4.90 -7.74
C LYS A 102 -19.29 4.14 -8.62
N PHE A 103 -19.67 3.97 -9.88
CA PHE A 103 -18.82 3.38 -10.90
C PHE A 103 -18.20 4.50 -11.73
N VAL A 104 -16.88 4.48 -11.86
CA VAL A 104 -16.16 5.51 -12.59
C VAL A 104 -15.19 4.83 -13.54
N ARG A 105 -14.90 5.50 -14.64
CA ARG A 105 -13.88 5.03 -15.58
C ARG A 105 -12.72 6.02 -15.49
N ILE A 106 -11.52 5.52 -15.24
CA ILE A 106 -10.37 6.40 -15.03
C ILE A 106 -9.57 6.50 -16.32
N GLN A 107 -8.65 7.47 -16.35
CA GLN A 107 -7.79 7.72 -17.50
C GLN A 107 -6.36 7.28 -17.17
N PRO A 108 -5.53 7.02 -18.20
CA PRO A 108 -4.13 6.66 -17.95
C PRO A 108 -3.42 7.72 -17.12
N GLY A 109 -2.62 7.26 -16.16
CA GLY A 109 -1.98 8.11 -15.18
C GLY A 109 -2.67 8.12 -13.83
N GLN A 110 -3.97 7.86 -13.79
CA GLN A 110 -4.67 7.88 -12.52
C GLN A 110 -4.35 6.61 -11.73
N THR A 111 -4.31 6.76 -10.41
CA THR A 111 -4.01 5.64 -9.53
C THR A 111 -5.28 5.17 -8.82
N PHE A 112 -5.22 3.94 -8.30
CA PHE A 112 -6.32 3.39 -7.53
C PHE A 112 -5.77 2.27 -6.68
N SER A 113 -6.51 1.90 -5.63
CA SER A 113 -6.12 0.78 -4.78
C SER A 113 -6.77 -0.50 -5.27
N VAL A 114 -6.02 -1.62 -5.17
CA VAL A 114 -6.50 -2.93 -5.58
C VAL A 114 -6.61 -3.78 -4.32
N LEU A 115 -7.75 -4.45 -4.14
CA LEU A 115 -7.89 -5.45 -3.06
C LEU A 115 -7.81 -6.82 -3.73
N ALA A 116 -6.65 -7.47 -3.66
CA ALA A 116 -6.49 -8.78 -4.26
C ALA A 116 -7.21 -9.83 -3.42
N CYS A 117 -8.16 -10.54 -4.05
CA CYS A 117 -8.98 -11.53 -3.37
C CYS A 117 -8.89 -12.89 -4.05
N TYR A 118 -9.08 -13.93 -3.24
CA TYR A 118 -9.20 -15.32 -3.68
C TYR A 118 -10.38 -15.96 -2.96
N ASN A 119 -11.25 -16.60 -3.73
CA ASN A 119 -12.41 -17.32 -3.17
C ASN A 119 -13.28 -16.40 -2.32
N GLY A 120 -13.45 -15.15 -2.76
CA GLY A 120 -14.26 -14.21 -2.03
C GLY A 120 -13.64 -13.57 -0.80
N SER A 121 -12.36 -13.85 -0.49
CA SER A 121 -11.69 -13.37 0.71
C SER A 121 -10.44 -12.56 0.38
N PRO A 122 -10.12 -11.54 1.16
CA PRO A 122 -9.04 -10.62 0.79
C PRO A 122 -7.66 -11.12 1.18
N SER A 123 -6.69 -10.93 0.28
CA SER A 123 -5.29 -11.22 0.56
C SER A 123 -4.49 -9.99 0.96
N GLY A 124 -4.70 -8.87 0.29
CA GLY A 124 -3.95 -7.68 0.62
C GLY A 124 -4.36 -6.54 -0.28
N VAL A 125 -3.77 -5.37 -0.02
CA VAL A 125 -4.15 -4.16 -0.73
C VAL A 125 -2.90 -3.40 -1.13
N TYR A 126 -2.91 -2.90 -2.36
CA TYR A 126 -1.77 -2.16 -2.87
C TYR A 126 -2.25 -1.15 -3.90
N GLN A 127 -1.35 -0.22 -4.27
CA GLN A 127 -1.65 0.86 -5.20
C GLN A 127 -1.23 0.51 -6.62
N CYS A 128 -2.03 0.94 -7.59
CA CYS A 128 -1.78 0.71 -9.00
C CYS A 128 -2.01 2.01 -9.77
N ALA A 129 -1.39 2.10 -10.95
CA ALA A 129 -1.67 3.17 -11.89
C ALA A 129 -2.04 2.59 -13.25
N MET A 130 -3.09 3.15 -13.85
CA MET A 130 -3.43 2.89 -15.24
C MET A 130 -2.32 3.34 -16.16
N ARG A 131 -1.69 2.41 -16.86
CA ARG A 131 -0.62 2.81 -17.77
C ARG A 131 -1.19 3.43 -19.03
N PRO A 132 -0.40 4.24 -19.74
CA PRO A 132 -0.87 4.75 -21.04
C PRO A 132 -1.25 3.65 -22.03
N ASN A 133 -0.69 2.44 -21.91
CA ASN A 133 -1.09 1.33 -22.77
C ASN A 133 -2.23 0.50 -22.19
N PHE A 134 -2.94 1.02 -21.17
CA PHE A 134 -4.19 0.47 -20.63
C PHE A 134 -3.99 -0.88 -19.96
N THR A 135 -2.80 -1.10 -19.41
CA THR A 135 -2.53 -2.22 -18.52
C THR A 135 -2.24 -1.67 -17.13
N ILE A 136 -2.25 -2.55 -16.14
CA ILE A 136 -1.74 -2.22 -14.81
C ILE A 136 -0.75 -3.29 -14.43
N LYS A 137 0.13 -2.94 -13.48
CA LYS A 137 1.17 -3.85 -13.00
C LYS A 137 0.82 -4.21 -11.56
N GLY A 138 0.04 -5.27 -11.41
CA GLY A 138 -0.44 -5.69 -10.12
C GLY A 138 0.22 -6.94 -9.61
N SER A 139 -0.49 -7.62 -8.70
CA SER A 139 -0.08 -8.88 -8.09
C SER A 139 -1.34 -9.73 -8.08
N PHE A 140 -1.46 -10.63 -9.06
CA PHE A 140 -2.70 -11.39 -9.27
C PHE A 140 -2.32 -12.84 -9.60
N LEU A 141 -2.84 -13.77 -8.84
CA LEU A 141 -2.59 -15.20 -9.00
C LEU A 141 -3.83 -15.86 -9.59
N ASN A 142 -3.73 -17.16 -9.86
CA ASN A 142 -4.90 -17.89 -10.33
C ASN A 142 -6.03 -17.76 -9.33
N GLY A 143 -7.24 -17.45 -9.82
CA GLY A 143 -8.36 -17.21 -8.95
C GLY A 143 -8.61 -15.76 -8.57
N SER A 144 -7.76 -14.83 -9.03
CA SER A 144 -7.92 -13.43 -8.63
C SER A 144 -8.95 -12.69 -9.44
N CYS A 145 -9.49 -13.27 -10.52
CA CYS A 145 -10.44 -12.53 -11.36
C CYS A 145 -11.61 -12.03 -10.52
N GLY A 146 -12.12 -10.85 -10.87
CA GLY A 146 -13.16 -10.23 -10.10
C GLY A 146 -12.69 -9.41 -8.93
N SER A 147 -11.40 -9.47 -8.57
CA SER A 147 -10.83 -8.47 -7.66
C SER A 147 -11.04 -7.07 -8.22
N VAL A 148 -11.30 -6.10 -7.36
CA VAL A 148 -11.63 -4.76 -7.85
C VAL A 148 -10.61 -3.72 -7.42
N GLY A 149 -10.58 -2.62 -8.18
CA GLY A 149 -9.77 -1.46 -7.85
C GLY A 149 -10.70 -0.30 -7.56
N PHE A 150 -10.25 0.62 -6.72
CA PHE A 150 -11.14 1.65 -6.18
C PHE A 150 -10.37 2.84 -5.64
N ASN A 151 -11.09 3.95 -5.52
CA ASN A 151 -10.65 5.12 -4.78
C ASN A 151 -11.73 5.43 -3.76
N ILE A 152 -11.35 6.06 -2.65
CA ILE A 152 -12.32 6.46 -1.63
C ILE A 152 -12.20 7.96 -1.43
N ASP A 153 -13.33 8.66 -1.51
CA ASP A 153 -13.40 10.09 -1.24
C ASP A 153 -14.38 10.28 -0.10
N TYR A 154 -13.87 10.72 1.05
CA TYR A 154 -14.65 10.73 2.27
C TYR A 154 -15.26 9.36 2.50
N ASP A 155 -16.58 9.23 2.36
CA ASP A 155 -17.24 7.95 2.62
C ASP A 155 -17.72 7.24 1.35
N CYS A 156 -17.37 7.73 0.17
CA CYS A 156 -17.88 7.19 -1.09
C CYS A 156 -16.79 6.40 -1.79
N VAL A 157 -17.09 5.15 -2.13
CA VAL A 157 -16.18 4.31 -2.88
C VAL A 157 -16.45 4.47 -4.36
N SER A 158 -15.44 4.87 -5.12
CA SER A 158 -15.50 4.90 -6.58
C SER A 158 -14.80 3.66 -7.11
N PHE A 159 -15.56 2.69 -7.59
CA PHE A 159 -14.98 1.49 -8.18
C PHE A 159 -14.59 1.77 -9.62
N CYS A 160 -13.34 1.47 -9.99
CA CYS A 160 -12.88 1.77 -11.34
C CYS A 160 -12.31 0.59 -12.10
N TYR A 161 -12.08 -0.55 -11.47
CA TYR A 161 -11.41 -1.64 -12.16
C TYR A 161 -11.93 -2.97 -11.66
N MET A 162 -12.08 -3.91 -12.58
CA MET A 162 -12.31 -5.30 -12.23
C MET A 162 -11.33 -6.15 -13.00
N HIS A 163 -10.65 -7.04 -12.29
CA HIS A 163 -9.58 -7.83 -12.89
C HIS A 163 -10.13 -9.00 -13.72
N HIS A 164 -9.58 -9.16 -14.93
CA HIS A 164 -10.06 -10.16 -15.89
C HIS A 164 -8.95 -11.12 -16.33
N MET A 165 -7.71 -10.67 -16.53
CA MET A 165 -6.69 -11.57 -17.09
C MET A 165 -5.29 -10.98 -17.00
N GLU A 166 -4.30 -11.86 -17.21
CA GLU A 166 -2.90 -11.45 -17.28
C GLU A 166 -2.38 -11.58 -18.70
N LEU A 167 -1.62 -10.57 -19.13
CA LEU A 167 -1.09 -10.52 -20.49
C LEU A 167 0.31 -11.14 -20.53
N PRO A 168 0.85 -11.39 -21.74
CA PRO A 168 2.13 -12.13 -21.84
C PRO A 168 3.32 -11.54 -21.10
N THR A 169 3.40 -10.22 -20.93
CA THR A 169 4.55 -9.64 -20.24
C THR A 169 4.36 -9.56 -18.74
N GLY A 170 3.36 -10.24 -18.20
CA GLY A 170 3.10 -10.16 -16.77
C GLY A 170 2.38 -8.91 -16.33
N VAL A 171 1.71 -8.21 -17.23
CA VAL A 171 0.88 -7.08 -16.84
C VAL A 171 -0.58 -7.52 -16.91
N HIS A 172 -1.46 -6.66 -16.44
CA HIS A 172 -2.82 -7.09 -16.13
C HIS A 172 -3.86 -6.24 -16.84
N ALA A 173 -4.95 -6.88 -17.26
CA ALA A 173 -6.00 -6.25 -18.04
C ALA A 173 -7.35 -6.49 -17.38
N GLY A 174 -8.22 -5.50 -17.46
CA GLY A 174 -9.54 -5.62 -16.88
C GLY A 174 -10.46 -4.54 -17.41
N THR A 175 -11.64 -4.46 -16.78
CA THR A 175 -12.72 -3.59 -17.20
C THR A 175 -13.04 -2.58 -16.13
N ASP A 176 -13.84 -1.56 -16.49
CA ASP A 176 -14.54 -0.81 -15.46
C ASP A 176 -15.74 -1.65 -15.00
N LEU A 177 -16.54 -1.11 -14.08
CA LEU A 177 -17.65 -1.92 -13.59
C LEU A 177 -18.88 -1.89 -14.50
N GLU A 178 -18.83 -1.16 -15.61
CA GLU A 178 -19.79 -1.28 -16.69
C GLU A 178 -19.37 -2.32 -17.73
N GLY A 179 -18.29 -3.06 -17.45
CA GLY A 179 -17.84 -4.14 -18.31
C GLY A 179 -17.04 -3.73 -19.52
N ASN A 180 -16.64 -2.47 -19.62
CA ASN A 180 -15.92 -1.97 -20.76
C ASN A 180 -14.41 -2.06 -20.50
N PHE A 181 -13.72 -2.90 -21.28
CA PHE A 181 -12.29 -3.09 -21.08
C PHE A 181 -11.53 -1.78 -21.20
N TYR A 182 -10.58 -1.58 -20.30
CA TYR A 182 -9.52 -0.61 -20.52
C TYR A 182 -8.65 -1.10 -21.67
N GLY A 183 -8.48 -0.28 -22.69
CA GLY A 183 -7.71 -0.67 -23.84
C GLY A 183 -8.45 -1.62 -24.76
N PRO A 184 -7.71 -2.23 -25.70
CA PRO A 184 -8.33 -3.02 -26.76
C PRO A 184 -8.34 -4.52 -26.48
N PHE A 185 -8.23 -4.90 -25.21
CA PHE A 185 -8.15 -6.31 -24.84
C PHE A 185 -9.55 -6.92 -24.79
N VAL A 186 -9.63 -8.22 -25.10
CA VAL A 186 -10.91 -8.90 -25.20
C VAL A 186 -10.89 -10.17 -24.38
N ASP A 187 -12.07 -10.63 -23.95
CA ASP A 187 -12.15 -11.81 -23.09
C ASP A 187 -12.36 -13.08 -23.93
N ARG A 188 -11.35 -13.35 -24.75
CA ARG A 188 -11.31 -14.57 -25.55
C ARG A 188 -9.85 -14.90 -25.82
N GLN A 189 -9.60 -16.17 -26.12
CA GLN A 189 -8.25 -16.67 -26.36
C GLN A 189 -7.69 -16.12 -27.67
N THR A 190 -6.65 -15.33 -27.58
CA THR A 190 -6.26 -14.50 -28.70
C THR A 190 -4.80 -14.09 -28.52
N ALA A 191 -4.09 -13.83 -29.63
CA ALA A 191 -2.67 -13.50 -29.51
C ALA A 191 -2.42 -12.05 -29.06
N GLN A 192 -3.15 -11.59 -28.06
CA GLN A 192 -3.08 -10.18 -27.69
C GLN A 192 -1.85 -9.87 -26.84
N ALA A 193 -1.43 -8.61 -26.90
CA ALA A 193 -0.27 -8.14 -26.15
C ALA A 193 -0.38 -6.64 -25.90
N ALA A 194 0.25 -6.19 -24.82
CA ALA A 194 0.27 -4.77 -24.51
C ALA A 194 1.17 -4.03 -25.51
N GLY A 195 0.68 -2.91 -26.02
CA GLY A 195 1.50 -2.04 -26.86
C GLY A 195 2.64 -1.42 -26.07
N THR A 196 3.47 -0.68 -26.80
CA THR A 196 4.56 0.05 -26.18
C THR A 196 4.01 1.11 -25.24
N ASP A 197 4.64 1.26 -24.08
CA ASP A 197 4.18 2.17 -23.05
C ASP A 197 4.98 3.47 -23.10
N THR A 198 4.47 4.50 -22.41
CA THR A 198 5.10 5.80 -22.27
C THR A 198 5.11 6.17 -20.79
N THR A 199 5.81 7.26 -20.47
CA THR A 199 5.94 7.70 -19.09
C THR A 199 4.95 8.85 -18.82
N ILE A 200 4.35 8.84 -17.63
CA ILE A 200 3.29 9.79 -17.28
C ILE A 200 3.95 11.03 -16.69
N THR A 201 4.06 12.09 -17.52
CA THR A 201 4.89 13.26 -17.21
C THR A 201 4.38 14.01 -15.99
N VAL A 202 3.08 14.27 -15.91
CA VAL A 202 2.57 15.03 -14.77
C VAL A 202 2.84 14.26 -13.46
N ASN A 203 2.82 12.93 -13.51
CA ASN A 203 3.13 12.15 -12.29
C ASN A 203 4.60 12.25 -11.92
N VAL A 204 5.51 12.22 -12.91
CA VAL A 204 6.93 12.39 -12.60
C VAL A 204 7.15 13.74 -11.92
N LEU A 205 6.52 14.79 -12.43
CA LEU A 205 6.68 16.11 -11.82
C LEU A 205 6.15 16.10 -10.40
N ALA A 206 5.00 15.47 -10.17
CA ALA A 206 4.47 15.38 -8.81
C ALA A 206 5.48 14.71 -7.89
N TRP A 207 6.14 13.67 -8.38
CA TRP A 207 7.10 12.92 -7.58
C TRP A 207 8.36 13.74 -7.31
N LEU A 208 8.81 14.52 -8.30
CA LEU A 208 9.95 15.40 -8.06
C LEU A 208 9.62 16.45 -7.00
N TYR A 209 8.39 16.95 -6.99
CA TYR A 209 7.99 17.84 -5.90
C TYR A 209 8.04 17.14 -4.56
N ALA A 210 7.54 15.89 -4.50
CA ALA A 210 7.60 15.15 -3.25
C ALA A 210 9.04 14.97 -2.77
N ALA A 211 9.96 14.74 -3.70
CA ALA A 211 11.37 14.61 -3.33
C ALA A 211 11.89 15.89 -2.68
N VAL A 212 11.61 17.04 -3.31
CA VAL A 212 12.05 18.32 -2.77
C VAL A 212 11.50 18.52 -1.36
N ILE A 213 10.21 18.21 -1.16
CA ILE A 213 9.58 18.41 0.14
C ILE A 213 10.23 17.53 1.19
N ASN A 214 10.73 16.37 0.77
CA ASN A 214 11.40 15.45 1.68
C ASN A 214 12.92 15.59 1.63
N GLY A 215 13.43 16.73 1.17
CA GLY A 215 14.83 17.07 1.34
C GLY A 215 15.78 16.60 0.27
N ASP A 216 15.30 16.00 -0.81
CA ASP A 216 16.13 15.55 -1.93
C ASP A 216 16.02 16.61 -3.04
N ARG A 217 17.07 17.45 -3.18
CA ARG A 217 17.01 18.66 -4.00
C ARG A 217 18.17 18.83 -4.97
N TRP A 218 19.00 17.80 -5.17
CA TRP A 218 20.23 17.97 -5.96
C TRP A 218 19.95 18.27 -7.43
N PHE A 219 18.82 17.78 -7.96
CA PHE A 219 18.48 17.88 -9.37
C PHE A 219 17.90 19.22 -9.78
N LEU A 220 17.68 20.12 -8.83
CA LEU A 220 17.09 21.40 -9.19
C LEU A 220 18.13 22.26 -9.90
N ASN A 221 17.76 22.84 -11.04
CA ASN A 221 18.65 23.78 -11.71
C ASN A 221 18.04 25.18 -11.69
N ARG A 222 18.75 26.12 -12.32
CA ARG A 222 18.42 27.54 -12.27
C ARG A 222 17.59 27.96 -13.47
N PHE A 223 17.19 27.03 -14.32
CA PHE A 223 16.58 27.35 -15.60
C PHE A 223 15.06 27.28 -15.50
N THR A 224 14.38 27.91 -16.45
CA THR A 224 12.95 27.70 -16.68
C THR A 224 12.75 27.30 -18.15
N THR A 225 11.49 27.07 -18.51
CA THR A 225 11.13 26.68 -19.88
C THR A 225 9.68 27.07 -20.10
N THR A 226 9.16 26.71 -21.27
CA THR A 226 7.76 26.93 -21.61
C THR A 226 7.07 25.60 -21.83
N LEU A 227 5.73 25.61 -21.74
CA LEU A 227 4.97 24.38 -21.98
C LEU A 227 5.25 23.83 -23.38
N ASN A 228 5.32 24.71 -24.39
CA ASN A 228 5.57 24.23 -25.74
C ASN A 228 6.95 23.58 -25.87
N ASP A 229 7.99 24.25 -25.36
CA ASP A 229 9.35 23.70 -25.46
C ASP A 229 9.47 22.40 -24.69
N PHE A 230 8.90 22.35 -23.48
CA PHE A 230 8.98 21.14 -22.68
C PHE A 230 8.25 19.99 -23.36
N ASN A 231 7.17 20.26 -24.08
CA ASN A 231 6.45 19.18 -24.76
C ASN A 231 7.22 18.63 -25.95
N LEU A 232 8.07 19.43 -26.59
CA LEU A 232 8.97 18.89 -27.60
C LEU A 232 9.96 17.92 -26.99
N VAL A 233 10.45 18.24 -25.79
CA VAL A 233 11.35 17.34 -25.07
C VAL A 233 10.62 16.07 -24.67
N ALA A 234 9.44 16.23 -24.06
CA ALA A 234 8.63 15.06 -23.67
C ALA A 234 8.39 14.12 -24.85
N MET A 235 8.04 14.67 -26.01
CA MET A 235 7.80 13.84 -27.17
C MET A 235 9.04 13.07 -27.58
N LYS A 236 10.23 13.68 -27.47
CA LYS A 236 11.41 12.94 -27.92
C LYS A 236 11.74 11.78 -26.98
N TYR A 237 11.37 11.88 -25.70
CA TYR A 237 11.76 10.87 -24.72
C TYR A 237 10.62 9.96 -24.31
N ASN A 238 9.61 9.80 -25.15
CA ASN A 238 8.50 8.86 -24.90
C ASN A 238 7.76 9.21 -23.61
N TYR A 239 7.57 10.50 -23.36
CA TYR A 239 6.79 11.00 -22.24
C TYR A 239 5.45 11.54 -22.73
N GLU A 240 4.42 11.42 -21.88
CA GLU A 240 3.13 11.99 -22.22
C GLU A 240 3.22 13.51 -22.32
N PRO A 241 2.44 14.12 -23.19
CA PRO A 241 2.38 15.59 -23.20
C PRO A 241 1.82 16.15 -21.90
N LEU A 242 2.22 17.38 -21.60
CA LEU A 242 1.81 18.09 -20.39
C LEU A 242 0.85 19.20 -20.78
N THR A 243 -0.26 19.31 -20.07
CA THR A 243 -1.30 20.27 -20.42
C THR A 243 -1.37 21.36 -19.37
N GLN A 244 -2.10 22.42 -19.68
CA GLN A 244 -2.28 23.50 -18.71
C GLN A 244 -3.06 23.01 -17.49
N ASP A 245 -4.04 22.14 -17.69
CA ASP A 245 -4.73 21.51 -16.56
C ASP A 245 -3.75 20.81 -15.64
N HIS A 246 -2.75 20.13 -16.21
CA HIS A 246 -1.71 19.51 -15.38
C HIS A 246 -0.95 20.56 -14.59
N VAL A 247 -0.64 21.70 -15.21
CA VAL A 247 0.07 22.74 -14.50
C VAL A 247 -0.76 23.23 -13.32
N ASP A 248 -2.08 23.38 -13.53
CA ASP A 248 -2.96 23.86 -12.48
C ASP A 248 -3.04 22.86 -11.33
N ILE A 249 -3.07 21.57 -11.65
CA ILE A 249 -3.18 20.54 -10.62
C ILE A 249 -1.91 20.50 -9.76
N LEU A 250 -0.77 20.91 -10.32
CA LEU A 250 0.48 20.89 -9.57
C LEU A 250 0.65 22.11 -8.67
N GLY A 251 -0.24 23.10 -8.78
CA GLY A 251 -0.15 24.34 -8.02
C GLY A 251 0.15 24.23 -6.54
N PRO A 252 -0.59 23.41 -5.81
CA PRO A 252 -0.31 23.26 -4.37
C PRO A 252 1.12 22.84 -4.08
N LEU A 253 1.71 22.01 -4.95
CA LEU A 253 3.07 21.52 -4.72
C LEU A 253 4.09 22.61 -5.02
N SER A 254 3.84 23.39 -6.08
CA SER A 254 4.67 24.56 -6.37
C SER A 254 4.65 25.55 -5.21
N ALA A 255 3.49 25.71 -4.55
CA ALA A 255 3.38 26.68 -3.47
C ALA A 255 4.13 26.23 -2.22
N GLN A 256 4.18 24.92 -1.97
CA GLN A 256 4.79 24.47 -0.72
C GLN A 256 6.32 24.50 -0.84
N THR A 257 6.85 24.39 -2.06
CA THR A 257 8.29 24.40 -2.32
C THR A 257 8.81 25.75 -2.79
N GLY A 258 7.95 26.62 -3.30
CA GLY A 258 8.37 27.84 -3.93
C GLY A 258 9.02 27.66 -5.28
N ILE A 259 8.86 26.48 -5.89
CA ILE A 259 9.41 26.20 -7.21
C ILE A 259 8.27 26.25 -8.21
N ALA A 260 8.37 27.18 -9.16
CA ALA A 260 7.35 27.29 -10.19
C ALA A 260 7.28 26.01 -11.02
N VAL A 261 6.07 25.70 -11.49
CA VAL A 261 5.87 24.49 -12.26
C VAL A 261 6.79 24.44 -13.46
N LEU A 262 6.89 25.54 -14.21
CA LEU A 262 7.75 25.51 -15.39
C LEU A 262 9.23 25.44 -15.01
N ASP A 263 9.60 25.89 -13.81
CA ASP A 263 10.96 25.70 -13.31
C ASP A 263 11.23 24.22 -13.07
N MET A 264 10.27 23.50 -12.48
CA MET A 264 10.42 22.05 -12.34
C MET A 264 10.50 21.36 -13.67
N CYS A 265 9.70 21.78 -14.65
CA CYS A 265 9.81 21.22 -15.99
C CYS A 265 11.21 21.35 -16.55
N ALA A 266 11.85 22.49 -16.33
CA ALA A 266 13.20 22.66 -16.84
C ALA A 266 14.18 21.73 -16.12
N SER A 267 13.96 21.47 -14.84
CA SER A 267 14.81 20.52 -14.13
C SER A 267 14.60 19.10 -14.65
N LEU A 268 13.34 18.71 -14.90
CA LEU A 268 13.09 17.42 -15.51
C LEU A 268 13.71 17.35 -16.90
N LYS A 269 13.60 18.43 -17.67
CA LYS A 269 14.23 18.44 -19.00
C LYS A 269 15.71 18.14 -18.90
N GLU A 270 16.40 18.73 -17.91
CA GLU A 270 17.84 18.47 -17.80
C GLU A 270 18.11 17.02 -17.43
N LEU A 271 17.29 16.42 -16.55
CA LEU A 271 17.47 15.01 -16.23
C LEU A 271 17.26 14.12 -17.46
N LEU A 272 16.30 14.47 -18.31
CA LEU A 272 16.04 13.66 -19.51
C LEU A 272 17.17 13.81 -20.52
N GLN A 273 17.73 15.01 -20.64
CA GLN A 273 18.77 15.24 -21.64
C GLN A 273 20.15 14.82 -21.17
N ASN A 274 20.41 14.84 -19.85
CA ASN A 274 21.75 14.63 -19.33
C ASN A 274 21.88 13.40 -18.45
N GLY A 275 20.78 12.79 -18.02
CA GLY A 275 20.86 11.64 -17.13
C GLY A 275 20.94 12.05 -15.67
N MET A 276 21.00 11.04 -14.82
CA MET A 276 20.99 11.27 -13.39
C MET A 276 22.36 11.14 -12.76
N ASN A 277 23.38 10.77 -13.55
CA ASN A 277 24.76 10.67 -13.07
C ASN A 277 24.88 9.68 -11.90
N GLY A 278 24.05 8.64 -11.91
CA GLY A 278 24.06 7.62 -10.88
C GLY A 278 23.44 8.02 -9.56
N ARG A 279 22.90 9.23 -9.44
CA ARG A 279 22.30 9.66 -8.19
C ARG A 279 20.90 9.08 -8.06
N THR A 280 20.42 8.99 -6.82
CA THR A 280 19.06 8.54 -6.57
C THR A 280 18.17 9.72 -6.21
N ILE A 281 16.87 9.55 -6.44
CA ILE A 281 15.85 10.47 -5.99
C ILE A 281 14.84 9.67 -5.17
N LEU A 282 14.68 10.04 -3.91
CA LEU A 282 13.85 9.28 -2.96
C LEU A 282 14.23 7.80 -2.97
N GLY A 283 15.53 7.52 -3.10
CA GLY A 283 16.05 6.16 -3.11
C GLY A 283 16.09 5.50 -4.48
N SER A 284 15.34 6.01 -5.46
CA SER A 284 15.20 5.39 -6.77
C SER A 284 16.24 5.89 -7.75
N ALA A 285 16.82 4.95 -8.53
CA ALA A 285 17.78 5.28 -9.57
C ALA A 285 17.13 5.65 -10.90
N LEU A 286 15.81 5.47 -11.03
CA LEU A 286 15.03 5.89 -12.18
C LEU A 286 13.87 6.78 -11.75
N LEU A 287 13.39 7.61 -12.68
CA LEU A 287 12.28 8.50 -12.39
C LEU A 287 10.98 7.72 -12.24
N GLU A 288 10.19 8.07 -11.22
CA GLU A 288 8.96 7.32 -10.92
C GLU A 288 7.73 8.07 -11.43
N ASP A 289 6.80 7.33 -12.07
CA ASP A 289 5.60 7.99 -12.62
C ASP A 289 4.29 7.38 -12.13
N GLU A 290 4.27 6.65 -11.02
CA GLU A 290 3.00 6.09 -10.56
C GLU A 290 2.41 6.81 -9.35
N PHE A 291 2.79 8.07 -9.12
CA PHE A 291 2.14 8.91 -8.10
C PHE A 291 1.51 10.10 -8.80
N THR A 292 0.20 10.31 -8.59
CA THR A 292 -0.47 11.49 -9.13
C THR A 292 -0.19 12.72 -8.28
N PRO A 293 -0.42 13.92 -8.83
CA PRO A 293 -0.39 15.11 -7.97
C PRO A 293 -1.28 15.00 -6.74
N PHE A 294 -2.48 14.45 -6.87
CA PHE A 294 -3.34 14.27 -5.70
C PHE A 294 -2.69 13.36 -4.67
N ASP A 295 -2.02 12.29 -5.13
CA ASP A 295 -1.37 11.38 -4.20
C ASP A 295 -0.29 12.09 -3.38
N VAL A 296 0.45 12.98 -4.03
CA VAL A 296 1.52 13.68 -3.33
C VAL A 296 0.95 14.71 -2.38
N VAL A 297 -0.08 15.43 -2.82
CA VAL A 297 -0.72 16.43 -1.96
C VAL A 297 -1.27 15.75 -0.71
N ARG A 298 -1.80 14.54 -0.85
CA ARG A 298 -2.42 13.85 0.27
C ARG A 298 -1.39 13.55 1.36
N GLN A 299 -0.14 13.27 0.98
CA GLN A 299 0.92 12.92 1.93
C GLN A 299 1.78 14.09 2.35
N CYS A 300 1.73 15.22 1.67
CA CYS A 300 2.71 16.25 1.95
C CYS A 300 2.11 17.59 2.34
N SER A 301 0.90 17.91 1.88
CA SER A 301 0.41 19.29 2.03
C SER A 301 -0.15 19.59 3.42
N GLY A 302 -0.78 18.62 4.07
CA GLY A 302 -1.44 18.87 5.34
C GLY A 302 -2.48 19.98 5.21
N VAL A 303 -2.69 20.72 6.30
CA VAL A 303 -3.68 21.80 6.29
C VAL A 303 -3.16 23.06 5.63
N THR A 304 -1.87 23.12 5.27
CA THR A 304 -1.26 24.38 4.84
C THR A 304 -1.59 24.75 3.40
N PHE A 305 -1.72 23.76 2.52
CA PHE A 305 -1.92 23.98 1.10
C PHE A 305 -3.05 23.10 0.59
N GLN A 306 -3.77 23.61 -0.42
CA GLN A 306 -4.91 22.88 -0.99
C GLN A 306 -4.86 22.84 -2.51
N SER B 1 0.84 -13.73 -11.73
CA SER B 1 2.16 -13.26 -11.30
C SER B 1 2.14 -11.77 -10.98
N GLY B 2 3.31 -11.24 -10.66
CA GLY B 2 3.49 -9.90 -10.16
C GLY B 2 3.81 -9.92 -8.68
N PHE B 3 4.51 -8.90 -8.21
CA PHE B 3 4.87 -8.85 -6.79
C PHE B 3 4.88 -7.39 -6.36
N ARG B 4 4.07 -7.05 -5.37
CA ARG B 4 3.86 -5.66 -4.97
C ARG B 4 4.07 -5.51 -3.47
N LYS B 5 4.38 -4.27 -3.05
CA LYS B 5 4.44 -3.93 -1.63
C LYS B 5 3.01 -3.92 -1.09
N MET B 6 2.61 -5.01 -0.45
CA MET B 6 1.21 -5.31 -0.16
C MET B 6 0.94 -5.20 1.34
N ALA B 7 -0.05 -4.40 1.70
CA ALA B 7 -0.50 -4.29 3.08
C ALA B 7 -1.60 -5.32 3.39
N PHE B 8 -1.71 -5.68 4.66
CA PHE B 8 -2.84 -6.49 5.09
C PHE B 8 -4.15 -5.76 4.83
N PRO B 9 -5.24 -6.49 4.54
CA PRO B 9 -6.56 -5.88 4.58
C PRO B 9 -6.77 -5.25 5.95
N SER B 10 -7.25 -4.01 5.94
CA SER B 10 -7.25 -3.19 7.15
C SER B 10 -8.61 -3.14 7.82
N GLY B 11 -9.61 -3.82 7.27
CA GLY B 11 -10.97 -3.63 7.74
C GLY B 11 -11.10 -3.83 9.24
N LYS B 12 -10.53 -4.92 9.75
CA LYS B 12 -10.64 -5.23 11.17
C LYS B 12 -10.06 -4.13 12.05
N VAL B 13 -9.06 -3.40 11.55
CA VAL B 13 -8.44 -2.35 12.33
C VAL B 13 -9.19 -1.02 12.20
N GLU B 14 -9.74 -0.73 11.00
CA GLU B 14 -10.48 0.52 10.80
C GLU B 14 -11.59 0.69 11.82
N GLY B 15 -12.30 -0.38 12.13
CA GLY B 15 -13.36 -0.34 13.11
C GLY B 15 -12.89 -0.06 14.53
N CYS B 16 -11.58 0.00 14.77
CA CYS B 16 -11.06 0.28 16.11
C CYS B 16 -10.53 1.71 16.27
N MET B 17 -10.47 2.52 15.22
CA MET B 17 -9.79 3.80 15.33
C MET B 17 -10.78 4.87 15.75
N VAL B 18 -10.40 5.66 16.75
CA VAL B 18 -11.24 6.71 17.29
C VAL B 18 -10.41 7.99 17.40
N GLN B 19 -11.09 9.10 17.65
CA GLN B 19 -10.47 10.40 17.84
C GLN B 19 -10.42 10.71 19.34
N VAL B 20 -9.25 11.12 19.84
CA VAL B 20 -9.09 11.47 21.24
C VAL B 20 -8.64 12.92 21.33
N THR B 21 -9.37 13.74 22.09
CA THR B 21 -9.06 15.15 22.25
C THR B 21 -8.83 15.48 23.72
N CYS B 22 -7.73 16.16 23.99
CA CYS B 22 -7.45 16.65 25.33
C CYS B 22 -6.94 18.08 25.18
N GLY B 23 -7.68 19.04 25.73
CA GLY B 23 -7.32 20.44 25.52
C GLY B 23 -7.39 20.79 24.04
N THR B 24 -6.32 21.41 23.54
CA THR B 24 -6.22 21.80 22.13
C THR B 24 -5.67 20.68 21.24
N THR B 25 -5.33 19.53 21.81
CA THR B 25 -4.65 18.48 21.09
C THR B 25 -5.67 17.41 20.68
N THR B 26 -5.64 17.01 19.41
CA THR B 26 -6.45 15.93 18.89
C THR B 26 -5.52 14.91 18.26
N LEU B 27 -5.67 13.64 18.62
CA LEU B 27 -4.93 12.59 17.92
C LEU B 27 -5.79 11.34 17.87
N ASN B 28 -5.16 10.23 17.52
CA ASN B 28 -5.84 8.95 17.33
C ASN B 28 -5.67 8.00 18.51
N GLY B 29 -6.71 7.19 18.74
CA GLY B 29 -6.64 6.14 19.73
C GLY B 29 -7.19 4.85 19.18
N LEU B 30 -6.88 3.76 19.89
CA LEU B 30 -7.25 2.41 19.49
C LEU B 30 -8.25 1.87 20.50
N TRP B 31 -9.45 1.56 20.02
CA TRP B 31 -10.58 1.16 20.87
C TRP B 31 -10.75 -0.36 20.80
N LEU B 32 -10.36 -1.05 21.88
CA LEU B 32 -10.46 -2.50 21.99
C LEU B 32 -11.20 -2.84 23.27
N ASP B 33 -12.27 -3.63 23.16
CA ASP B 33 -13.14 -3.94 24.30
C ASP B 33 -13.59 -2.58 24.85
N ASP B 34 -13.48 -2.33 26.15
CA ASP B 34 -13.93 -1.06 26.70
C ASP B 34 -12.77 -0.11 27.07
N VAL B 35 -11.64 -0.24 26.39
CA VAL B 35 -10.46 0.59 26.66
C VAL B 35 -10.02 1.27 25.38
N VAL B 36 -9.59 2.53 25.49
CA VAL B 36 -9.01 3.28 24.37
C VAL B 36 -7.55 3.56 24.70
N TYR B 37 -6.64 3.17 23.80
CA TYR B 37 -5.21 3.35 23.98
C TYR B 37 -4.73 4.49 23.11
N CYS B 38 -3.85 5.34 23.64
CA CYS B 38 -3.32 6.47 22.87
C CYS B 38 -2.02 6.92 23.49
N PRO B 39 -1.20 7.68 22.76
CA PRO B 39 0.07 8.16 23.33
C PRO B 39 -0.19 9.11 24.48
N ARG B 40 0.59 8.95 25.55
CA ARG B 40 0.32 9.73 26.75
C ARG B 40 0.64 11.21 26.57
N HIS B 41 1.48 11.57 25.58
CA HIS B 41 1.73 13.00 25.43
C HIS B 41 0.51 13.80 25.00
N VAL B 42 -0.64 13.16 24.76
CA VAL B 42 -1.85 13.90 24.47
C VAL B 42 -2.23 14.81 25.63
N ILE B 43 -1.76 14.52 26.85
CA ILE B 43 -2.14 15.35 27.99
C ILE B 43 -1.19 16.52 28.20
N CYS B 44 -0.12 16.63 27.41
CA CYS B 44 0.89 17.67 27.62
C CYS B 44 0.57 18.94 26.85
N THR B 45 0.98 20.08 27.41
CA THR B 45 1.05 21.31 26.64
C THR B 45 2.48 21.48 26.13
N SER B 46 2.66 22.41 25.18
CA SER B 46 3.99 22.58 24.58
C SER B 46 5.05 22.89 25.62
N GLU B 47 4.67 23.52 26.73
CA GLU B 47 5.63 23.84 27.79
C GLU B 47 6.06 22.59 28.55
N ASP B 48 5.12 21.68 28.82
CA ASP B 48 5.43 20.49 29.61
C ASP B 48 6.47 19.60 28.94
N MET B 49 6.54 19.60 27.61
CA MET B 49 7.31 18.60 26.87
C MET B 49 8.80 18.74 27.01
N LEU B 50 9.29 19.85 27.56
CA LEU B 50 10.71 19.97 27.82
C LEU B 50 11.14 19.03 28.92
N ASN B 51 10.35 18.92 29.99
CA ASN B 51 10.68 18.04 31.09
C ASN B 51 9.40 17.63 31.83
N PRO B 52 8.55 16.81 31.21
CA PRO B 52 7.25 16.52 31.82
C PRO B 52 7.33 15.55 33.00
N ASN B 53 6.46 15.81 33.97
CA ASN B 53 6.14 14.86 35.03
C ASN B 53 4.76 14.30 34.68
N TYR B 54 4.73 13.19 33.93
CA TYR B 54 3.45 12.68 33.41
C TYR B 54 2.48 12.28 34.50
N GLU B 55 2.95 11.62 35.56
CA GLU B 55 2.06 11.31 36.67
C GLU B 55 1.39 12.57 37.21
N ASP B 56 2.17 13.60 37.51
CA ASP B 56 1.59 14.85 38.01
C ASP B 56 0.64 15.48 37.01
N LEU B 57 0.99 15.44 35.72
CA LEU B 57 0.08 15.98 34.71
C LEU B 57 -1.22 15.19 34.67
N LEU B 58 -1.16 13.87 34.87
CA LEU B 58 -2.37 13.06 34.78
C LEU B 58 -3.26 13.22 36.01
N ILE B 59 -2.67 13.41 37.19
CA ILE B 59 -3.47 13.64 38.39
C ILE B 59 -4.34 14.89 38.25
N ARG B 60 -3.87 15.91 37.51
CA ARG B 60 -4.67 17.12 37.33
C ARG B 60 -5.79 16.96 36.32
N LYS B 61 -5.78 15.91 35.51
CA LYS B 61 -6.86 15.67 34.56
C LYS B 61 -8.01 14.93 35.25
N SER B 62 -9.21 15.12 34.71
CA SER B 62 -10.41 14.39 35.08
C SER B 62 -10.92 13.63 33.86
N ASN B 63 -11.86 12.70 34.09
CA ASN B 63 -12.40 11.93 32.97
C ASN B 63 -12.99 12.87 31.92
N HIS B 64 -13.68 13.93 32.35
CA HIS B 64 -14.35 14.79 31.38
C HIS B 64 -13.37 15.66 30.59
N ASN B 65 -12.10 15.69 30.98
CA ASN B 65 -11.09 16.36 30.15
C ASN B 65 -10.73 15.57 28.91
N PHE B 66 -11.21 14.33 28.77
CA PHE B 66 -10.94 13.50 27.59
C PHE B 66 -12.23 13.36 26.77
N LEU B 67 -12.16 13.75 25.50
CA LEU B 67 -13.27 13.65 24.57
C LEU B 67 -12.93 12.59 23.54
N VAL B 68 -13.70 11.50 23.48
CA VAL B 68 -13.43 10.39 22.58
C VAL B 68 -14.61 10.24 21.63
N GLN B 69 -14.31 10.21 20.32
CA GLN B 69 -15.34 10.10 19.29
C GLN B 69 -15.06 8.92 18.39
N ALA B 70 -16.05 8.04 18.26
CA ALA B 70 -16.03 6.93 17.31
C ALA B 70 -16.91 7.34 16.14
N GLY B 71 -16.31 7.81 15.06
CA GLY B 71 -17.10 8.44 14.02
C GLY B 71 -17.83 9.65 14.58
N ASN B 72 -19.16 9.66 14.47
CA ASN B 72 -19.94 10.76 15.03
C ASN B 72 -20.41 10.50 16.46
N VAL B 73 -20.12 9.33 17.01
CA VAL B 73 -20.65 8.92 18.32
C VAL B 73 -19.65 9.27 19.41
N GLN B 74 -20.10 10.00 20.41
CA GLN B 74 -19.25 10.33 21.55
C GLN B 74 -19.23 9.17 22.54
N LEU B 75 -18.03 8.75 22.96
CA LEU B 75 -17.87 7.70 23.95
C LEU B 75 -17.54 8.30 25.31
N ARG B 76 -18.34 7.96 26.31
CA ARG B 76 -18.18 8.51 27.66
C ARG B 76 -16.96 7.90 28.35
N VAL B 77 -15.99 8.72 28.72
CA VAL B 77 -14.83 8.24 29.46
C VAL B 77 -15.20 8.08 30.94
N ILE B 78 -14.88 6.91 31.51
CA ILE B 78 -15.20 6.61 32.91
C ILE B 78 -13.99 6.22 33.72
N GLY B 79 -12.80 6.23 33.14
CA GLY B 79 -11.59 6.01 33.91
C GLY B 79 -10.36 6.31 33.09
N HIS B 80 -9.26 6.67 33.73
CA HIS B 80 -8.04 6.97 33.00
C HIS B 80 -6.86 6.46 33.80
N SER B 81 -5.86 5.94 33.10
CA SER B 81 -4.67 5.41 33.74
C SER B 81 -3.53 5.40 32.74
N MET B 82 -2.32 5.26 33.28
CA MET B 82 -1.07 5.25 32.53
C MET B 82 -0.46 3.85 32.56
N GLN B 83 0.07 3.40 31.42
CA GLN B 83 0.97 2.24 31.41
C GLN B 83 2.15 2.62 30.52
N ASN B 84 3.34 2.72 31.12
CA ASN B 84 4.52 3.16 30.38
C ASN B 84 4.21 4.43 29.60
N CYS B 85 4.40 4.45 28.28
CA CYS B 85 4.16 5.67 27.50
C CYS B 85 2.77 5.72 26.86
N VAL B 86 1.85 4.87 27.27
CA VAL B 86 0.50 4.83 26.73
C VAL B 86 -0.49 5.28 27.78
N LEU B 87 -1.49 6.06 27.35
CA LEU B 87 -2.66 6.38 28.15
C LEU B 87 -3.75 5.35 27.86
N LYS B 88 -4.42 4.88 28.93
CA LYS B 88 -5.54 3.94 28.80
C LYS B 88 -6.82 4.63 29.28
N LEU B 89 -7.77 4.84 28.37
CA LEU B 89 -9.04 5.47 28.73
C LEU B 89 -10.13 4.41 28.78
N LYS B 90 -10.75 4.24 29.93
CA LYS B 90 -11.81 3.25 30.04
C LYS B 90 -13.12 3.94 29.69
N VAL B 91 -13.88 3.32 28.78
CA VAL B 91 -15.10 3.91 28.25
C VAL B 91 -16.27 2.98 28.62
N ASP B 92 -17.48 3.54 28.57
CA ASP B 92 -18.65 2.79 29.03
C ASP B 92 -19.21 1.84 27.97
N THR B 93 -18.62 1.79 26.79
CA THR B 93 -19.09 0.94 25.72
C THR B 93 -17.94 0.06 25.22
N ALA B 94 -18.18 -1.24 25.16
CA ALA B 94 -17.21 -2.13 24.53
C ALA B 94 -17.32 -2.00 23.02
N ASN B 95 -16.17 -1.89 22.35
CA ASN B 95 -16.19 -1.84 20.89
C ASN B 95 -16.85 -3.11 20.36
N PRO B 96 -18.03 -3.02 19.71
CA PRO B 96 -18.68 -4.24 19.21
C PRO B 96 -17.96 -4.85 18.03
N LYS B 97 -17.01 -4.14 17.42
CA LYS B 97 -16.23 -4.68 16.32
C LYS B 97 -14.80 -4.99 16.74
N THR B 98 -14.56 -5.23 18.02
CA THR B 98 -13.24 -5.65 18.47
C THR B 98 -12.88 -6.97 17.78
N PRO B 99 -11.81 -7.02 17.00
CA PRO B 99 -11.41 -8.29 16.38
C PRO B 99 -10.71 -9.16 17.41
N LYS B 100 -10.49 -10.43 17.06
CA LYS B 100 -9.53 -11.22 17.82
C LYS B 100 -8.17 -10.53 17.69
N TYR B 101 -7.48 -10.32 18.81
CA TYR B 101 -6.24 -9.54 18.77
C TYR B 101 -5.27 -9.98 19.86
N LYS B 102 -4.03 -9.52 19.71
CA LYS B 102 -3.04 -9.60 20.77
C LYS B 102 -1.99 -8.53 20.52
N PHE B 103 -1.17 -8.28 21.55
CA PHE B 103 -0.15 -7.25 21.53
C PHE B 103 1.20 -7.94 21.42
N VAL B 104 2.02 -7.49 20.47
CA VAL B 104 3.28 -8.16 20.15
C VAL B 104 4.37 -7.10 20.02
N ARG B 105 5.56 -7.41 20.54
CA ARG B 105 6.75 -6.57 20.38
C ARG B 105 7.61 -7.19 19.29
N ILE B 106 7.78 -6.48 18.18
CA ILE B 106 8.51 -7.08 17.06
C ILE B 106 9.99 -6.76 17.13
N GLN B 107 10.77 -7.41 16.27
CA GLN B 107 12.21 -7.28 16.23
C GLN B 107 12.66 -6.58 14.96
N PRO B 108 13.85 -5.98 14.95
CA PRO B 108 14.33 -5.32 13.74
C PRO B 108 14.36 -6.30 12.58
N GLY B 109 14.00 -5.80 11.39
CA GLY B 109 13.87 -6.62 10.22
C GLY B 109 12.45 -7.12 9.95
N GLN B 110 11.61 -7.20 10.96
CA GLN B 110 10.22 -7.63 10.78
C GLN B 110 9.37 -6.51 10.19
N THR B 111 8.37 -6.89 9.41
CA THR B 111 7.49 -5.96 8.72
C THR B 111 6.10 -5.92 9.34
N PHE B 112 5.35 -4.85 9.04
CA PHE B 112 3.97 -4.72 9.49
C PHE B 112 3.26 -3.70 8.60
N SER B 113 1.92 -3.69 8.67
CA SER B 113 1.14 -2.69 7.96
C SER B 113 0.82 -1.54 8.91
N VAL B 114 0.91 -0.33 8.41
CA VAL B 114 0.58 0.87 9.16
C VAL B 114 -0.74 1.38 8.62
N LEU B 115 -1.69 1.63 9.51
CA LEU B 115 -2.93 2.32 9.15
C LEU B 115 -2.76 3.76 9.59
N ALA B 116 -2.43 4.63 8.64
CA ALA B 116 -2.27 6.05 8.94
C ALA B 116 -3.62 6.72 9.11
N CYS B 117 -3.80 7.42 10.22
CA CYS B 117 -5.10 7.98 10.61
C CYS B 117 -4.94 9.44 10.99
N TYR B 118 -5.99 10.22 10.72
CA TYR B 118 -6.05 11.61 11.14
C TYR B 118 -7.44 11.87 11.69
N ASN B 119 -7.51 12.51 12.86
CA ASN B 119 -8.79 12.85 13.48
C ASN B 119 -9.68 11.62 13.66
N GLY B 120 -9.06 10.49 13.99
CA GLY B 120 -9.82 9.28 14.22
C GLY B 120 -10.25 8.53 12.97
N SER B 121 -9.92 9.04 11.79
CA SER B 121 -10.43 8.56 10.50
C SER B 121 -9.29 7.99 9.68
N PRO B 122 -9.33 6.70 9.32
CA PRO B 122 -8.21 6.10 8.58
C PRO B 122 -8.04 6.70 7.19
N SER B 123 -6.80 7.02 6.85
CA SER B 123 -6.52 7.67 5.57
C SER B 123 -5.78 6.80 4.57
N GLY B 124 -4.93 5.88 5.03
CA GLY B 124 -4.17 5.08 4.08
C GLY B 124 -3.47 3.96 4.80
N VAL B 125 -2.98 2.99 4.01
CA VAL B 125 -2.34 1.81 4.58
C VAL B 125 -1.13 1.44 3.72
N TYR B 126 -0.02 1.11 4.38
CA TYR B 126 1.22 0.79 3.69
C TYR B 126 2.07 -0.10 4.57
N GLN B 127 3.03 -0.78 3.95
CA GLN B 127 3.93 -1.69 4.65
C GLN B 127 5.15 -0.93 5.16
N CYS B 128 5.63 -1.32 6.34
CA CYS B 128 6.82 -0.75 6.95
C CYS B 128 7.68 -1.90 7.49
N ALA B 129 8.95 -1.62 7.74
CA ALA B 129 9.82 -2.54 8.47
C ALA B 129 10.38 -1.83 9.68
N MET B 130 10.53 -2.58 10.78
CA MET B 130 11.28 -2.07 11.92
C MET B 130 12.75 -2.04 11.52
N ARG B 131 13.36 -0.84 11.50
CA ARG B 131 14.72 -0.73 11.01
C ARG B 131 15.72 -1.23 12.05
N PRO B 132 16.92 -1.65 11.63
CA PRO B 132 17.98 -2.01 12.59
C PRO B 132 18.26 -0.96 13.67
N ASN B 133 18.00 0.33 13.39
CA ASN B 133 18.19 1.37 14.40
C ASN B 133 16.89 1.69 15.15
N PHE B 134 15.92 0.79 15.07
CA PHE B 134 14.69 0.86 15.88
C PHE B 134 13.82 2.06 15.52
N THR B 135 13.90 2.53 14.28
CA THR B 135 12.96 3.50 13.73
C THR B 135 12.19 2.84 12.60
N ILE B 136 11.19 3.54 12.07
CA ILE B 136 10.52 3.12 10.86
C ILE B 136 10.53 4.27 9.87
N LYS B 137 10.62 3.94 8.59
CA LYS B 137 10.58 4.94 7.52
C LYS B 137 9.16 4.96 6.97
N GLY B 138 8.29 5.75 7.61
CA GLY B 138 6.89 5.82 7.26
C GLY B 138 6.52 7.09 6.52
N SER B 139 5.24 7.40 6.56
CA SER B 139 4.69 8.63 5.98
C SER B 139 3.68 9.16 6.99
N PHE B 140 4.04 10.25 7.67
CA PHE B 140 3.23 10.75 8.77
C PHE B 140 3.31 12.27 8.79
N LEU B 141 2.16 12.90 8.97
CA LEU B 141 2.08 14.34 9.11
C LEU B 141 1.57 14.68 10.51
N ASN B 142 1.48 15.98 10.81
N ASN B 142 1.46 15.97 10.80
CA ASN B 142 0.86 16.44 12.04
CA ASN B 142 0.87 16.39 12.06
C ASN B 142 -0.53 15.84 12.21
C ASN B 142 -0.52 15.82 12.22
N GLY B 143 -0.82 15.35 13.42
CA GLY B 143 -2.11 14.74 13.71
C GLY B 143 -2.12 13.24 13.58
N SER B 144 -1.01 12.63 13.17
CA SER B 144 -0.95 11.19 12.92
C SER B 144 -0.66 10.37 14.17
N CYS B 145 -0.30 10.99 15.28
CA CYS B 145 0.03 10.21 16.48
C CYS B 145 -1.12 9.31 16.87
N GLY B 146 -0.78 8.11 17.34
CA GLY B 146 -1.80 7.14 17.63
C GLY B 146 -2.14 6.21 16.48
N SER B 147 -1.68 6.50 15.26
CA SER B 147 -1.75 5.52 14.19
C SER B 147 -1.06 4.24 14.62
N VAL B 148 -1.59 3.09 14.18
CA VAL B 148 -1.06 1.82 14.66
C VAL B 148 -0.56 0.97 13.51
N GLY B 149 0.33 0.05 13.87
CA GLY B 149 0.87 -0.92 12.94
C GLY B 149 0.52 -2.31 13.40
N PHE B 150 0.37 -3.22 12.44
CA PHE B 150 -0.18 -4.53 12.79
C PHE B 150 0.17 -5.57 11.73
N ASN B 151 0.07 -6.83 12.16
CA ASN B 151 0.08 -7.97 11.26
C ASN B 151 -1.21 -8.76 11.50
N ILE B 152 -1.60 -9.58 10.53
CA ILE B 152 -2.67 -10.56 10.74
C ILE B 152 -2.01 -11.93 10.77
N ASP B 153 -2.09 -12.60 11.90
CA ASP B 153 -1.54 -13.94 12.09
C ASP B 153 -2.71 -14.90 12.08
N TYR B 154 -2.97 -15.48 10.90
CA TYR B 154 -4.14 -16.30 10.67
C TYR B 154 -5.44 -15.54 10.92
N ASP B 155 -6.01 -15.64 12.12
CA ASP B 155 -7.31 -15.03 12.40
C ASP B 155 -7.20 -13.95 13.45
N CYS B 156 -5.99 -13.53 13.79
CA CYS B 156 -5.74 -12.69 14.94
C CYS B 156 -4.99 -11.44 14.52
N VAL B 157 -5.51 -10.28 14.87
CA VAL B 157 -4.81 -9.03 14.60
C VAL B 157 -3.72 -8.85 15.64
N SER B 158 -2.46 -8.82 15.20
CA SER B 158 -1.31 -8.66 16.09
C SER B 158 -0.81 -7.21 16.00
N PHE B 159 -1.20 -6.39 16.97
CA PHE B 159 -0.76 -5.00 17.02
C PHE B 159 0.68 -4.92 17.52
N CYS B 160 1.52 -4.18 16.80
CA CYS B 160 2.91 -4.08 17.18
C CYS B 160 3.46 -2.67 17.28
N TYR B 161 2.71 -1.65 16.88
CA TYR B 161 3.31 -0.32 16.85
C TYR B 161 2.22 0.71 17.06
N MET B 162 2.54 1.74 17.84
N MET B 162 2.55 1.75 17.82
CA MET B 162 1.75 2.96 17.91
CA MET B 162 1.74 2.95 17.90
C MET B 162 2.68 4.14 17.68
C MET B 162 2.66 4.14 17.68
N HIS B 163 2.27 5.04 16.78
CA HIS B 163 3.13 6.16 16.41
C HIS B 163 3.18 7.25 17.48
N HIS B 164 4.39 7.73 17.80
CA HIS B 164 4.51 8.76 18.84
C HIS B 164 5.13 10.06 18.34
N MET B 165 6.16 10.00 17.49
CA MET B 165 6.72 11.25 16.97
C MET B 165 7.65 10.97 15.80
N GLU B 166 8.01 12.05 15.09
CA GLU B 166 9.04 12.03 14.08
C GLU B 166 10.33 12.63 14.64
N LEU B 167 11.45 11.96 14.42
CA LEU B 167 12.76 12.46 14.82
C LEU B 167 13.27 13.48 13.79
N PRO B 168 14.14 14.42 14.21
CA PRO B 168 14.55 15.50 13.29
C PRO B 168 15.08 15.03 11.94
N THR B 169 15.69 13.86 11.85
CA THR B 169 16.20 13.35 10.59
C THR B 169 15.14 12.68 9.70
N GLY B 170 13.87 12.73 10.05
CA GLY B 170 12.81 12.30 9.16
C GLY B 170 12.31 10.88 9.36
N VAL B 171 12.86 10.14 10.33
CA VAL B 171 12.37 8.80 10.63
C VAL B 171 11.40 8.89 11.79
N HIS B 172 10.69 7.80 12.06
CA HIS B 172 9.57 7.79 12.98
C HIS B 172 9.82 6.83 14.12
N ALA B 173 9.36 7.23 15.32
CA ALA B 173 9.57 6.48 16.55
C ALA B 173 8.23 6.24 17.21
N GLY B 174 8.10 5.08 17.86
CA GLY B 174 6.89 4.79 18.58
C GLY B 174 7.08 3.64 19.53
N THR B 175 5.96 3.14 20.04
CA THR B 175 5.95 2.16 21.10
C THR B 175 5.25 0.90 20.62
N ASP B 176 5.43 -0.17 21.38
CA ASP B 176 4.50 -1.28 21.25
C ASP B 176 3.22 -0.92 21.99
N LEU B 177 2.25 -1.83 21.99
CA LEU B 177 0.99 -1.50 22.64
C LEU B 177 1.04 -1.74 24.14
N GLU B 178 2.17 -2.19 24.68
CA GLU B 178 2.40 -2.05 26.10
C GLU B 178 2.94 -0.67 26.48
N GLY B 179 3.22 0.18 25.50
CA GLY B 179 3.66 1.52 25.80
C GLY B 179 5.16 1.70 25.90
N ASN B 180 5.95 0.70 25.54
CA ASN B 180 7.40 0.81 25.64
C ASN B 180 7.99 1.15 24.28
N PHE B 181 8.88 2.15 24.25
CA PHE B 181 9.42 2.56 22.97
C PHE B 181 10.28 1.47 22.36
N TYR B 182 10.25 1.40 21.04
CA TYR B 182 11.31 0.73 20.29
C TYR B 182 12.52 1.65 20.26
N GLY B 183 13.68 1.12 20.58
CA GLY B 183 14.89 1.94 20.62
C GLY B 183 15.03 2.75 21.91
N PRO B 184 15.99 3.67 21.94
CA PRO B 184 16.30 4.37 23.19
C PRO B 184 15.54 5.68 23.37
N PHE B 185 14.48 5.88 22.58
CA PHE B 185 13.81 7.17 22.48
C PHE B 185 12.84 7.38 23.65
N VAL B 186 12.54 8.66 23.93
CA VAL B 186 11.68 9.06 25.04
C VAL B 186 10.67 10.07 24.54
N ASP B 187 9.50 10.10 25.18
CA ASP B 187 8.44 11.03 24.76
C ASP B 187 8.56 12.37 25.51
N ARG B 188 9.69 13.03 25.25
CA ARG B 188 9.94 14.39 25.71
C ARG B 188 10.96 15.02 24.76
N GLN B 189 11.05 16.35 24.78
CA GLN B 189 11.94 17.07 23.87
C GLN B 189 13.36 17.10 24.41
N THR B 190 14.25 16.31 23.79
CA THR B 190 15.65 16.19 24.21
C THR B 190 16.55 16.13 22.99
N ALA B 191 17.84 15.89 23.24
CA ALA B 191 18.80 15.67 22.16
C ALA B 191 18.96 14.17 21.95
N GLN B 192 17.93 13.58 21.37
CA GLN B 192 17.93 12.18 21.00
C GLN B 192 18.00 12.10 19.48
N ALA B 193 18.68 11.07 18.99
CA ALA B 193 18.82 10.89 17.56
C ALA B 193 18.98 9.42 17.27
N ALA B 194 18.55 9.01 16.09
CA ALA B 194 18.69 7.62 15.69
C ALA B 194 20.13 7.32 15.31
N GLY B 195 20.59 6.13 15.64
CA GLY B 195 21.87 5.66 15.16
C GLY B 195 21.84 5.43 13.67
N THR B 196 23.03 5.14 13.12
CA THR B 196 23.12 4.89 11.69
C THR B 196 22.34 3.63 11.33
N ASP B 197 21.61 3.67 10.21
CA ASP B 197 20.82 2.50 9.83
C ASP B 197 21.65 1.59 8.93
N THR B 198 21.12 0.39 8.69
CA THR B 198 21.79 -0.56 7.82
C THR B 198 20.72 -1.23 6.96
N THR B 199 21.14 -1.84 5.86
CA THR B 199 20.21 -2.54 4.99
C THR B 199 20.00 -3.98 5.46
N ILE B 200 18.75 -4.43 5.43
CA ILE B 200 18.38 -5.73 5.97
C ILE B 200 18.67 -6.78 4.92
N THR B 201 19.86 -7.36 4.96
CA THR B 201 20.33 -8.24 3.89
C THR B 201 19.38 -9.40 3.60
N VAL B 202 18.93 -10.10 4.64
CA VAL B 202 18.09 -11.29 4.43
C VAL B 202 16.80 -10.90 3.70
N ASN B 203 16.30 -9.68 3.93
CA ASN B 203 15.09 -9.24 3.24
C ASN B 203 15.36 -8.94 1.78
N VAL B 204 16.53 -8.37 1.46
CA VAL B 204 16.88 -8.17 0.06
C VAL B 204 16.96 -9.52 -0.66
N LEU B 205 17.56 -10.52 -0.02
CA LEU B 205 17.64 -11.83 -0.65
C LEU B 205 16.26 -12.43 -0.87
N ALA B 206 15.36 -12.29 0.10
CA ALA B 206 14.00 -12.81 -0.08
C ALA B 206 13.31 -12.14 -1.27
N TRP B 207 13.52 -10.84 -1.44
CA TRP B 207 12.88 -10.12 -2.54
C TRP B 207 13.48 -10.52 -3.88
N LEU B 208 14.78 -10.80 -3.93
CA LEU B 208 15.37 -11.36 -5.14
C LEU B 208 14.77 -12.73 -5.46
N TYR B 209 14.47 -13.54 -4.44
CA TYR B 209 13.77 -14.80 -4.68
C TYR B 209 12.37 -14.54 -5.22
N ALA B 210 11.67 -13.53 -4.69
CA ALA B 210 10.36 -13.17 -5.22
C ALA B 210 10.45 -12.82 -6.71
N ALA B 211 11.53 -12.16 -7.11
CA ALA B 211 11.67 -11.76 -8.51
C ALA B 211 11.79 -12.98 -9.41
N VAL B 212 12.62 -13.94 -8.98
CA VAL B 212 12.81 -15.16 -9.75
C VAL B 212 11.49 -15.93 -9.86
N ILE B 213 10.74 -16.01 -8.76
CA ILE B 213 9.45 -16.70 -8.80
C ILE B 213 8.54 -16.10 -9.85
N ASN B 214 8.60 -14.77 -10.00
CA ASN B 214 7.72 -14.07 -10.93
C ASN B 214 8.37 -13.80 -12.28
N GLY B 215 9.45 -14.48 -12.60
CA GLY B 215 9.99 -14.49 -13.94
C GLY B 215 10.93 -13.35 -14.26
N ASP B 216 11.46 -12.66 -13.25
CA ASP B 216 12.39 -11.54 -13.41
C ASP B 216 13.73 -12.01 -12.86
N ARG B 217 14.62 -12.50 -13.74
CA ARG B 217 15.86 -13.10 -13.23
C ARG B 217 17.10 -12.64 -13.99
N TRP B 218 17.09 -11.43 -14.57
CA TRP B 218 18.26 -10.98 -15.34
C TRP B 218 19.52 -10.86 -14.49
N PHE B 219 19.37 -10.70 -13.17
CA PHE B 219 20.48 -10.50 -12.26
C PHE B 219 21.18 -11.78 -11.82
N LEU B 220 20.66 -12.96 -12.16
CA LEU B 220 21.32 -14.20 -11.77
C LEU B 220 22.60 -14.40 -12.57
N ASN B 221 23.69 -14.78 -11.89
CA ASN B 221 24.97 -15.01 -12.55
C ASN B 221 25.45 -16.44 -12.31
N ARG B 222 26.61 -16.76 -12.90
CA ARG B 222 27.19 -18.08 -12.83
C ARG B 222 28.28 -18.21 -11.78
N PHE B 223 28.40 -17.25 -10.88
CA PHE B 223 29.45 -17.25 -9.88
C PHE B 223 28.98 -17.83 -8.55
N THR B 224 29.98 -18.21 -7.76
CA THR B 224 29.80 -18.72 -6.41
C THR B 224 30.53 -17.79 -5.44
N THR B 225 30.06 -17.77 -4.19
CA THR B 225 30.76 -17.05 -3.14
C THR B 225 30.67 -17.82 -1.84
N THR B 226 31.62 -17.60 -0.95
CA THR B 226 31.48 -18.14 0.39
C THR B 226 30.69 -17.15 1.23
N LEU B 227 30.21 -17.62 2.38
CA LEU B 227 29.51 -16.73 3.31
C LEU B 227 30.44 -15.63 3.82
N ASN B 228 31.65 -16.01 4.22
CA ASN B 228 32.55 -15.01 4.78
C ASN B 228 32.92 -13.95 3.75
N ASP B 229 33.11 -14.37 2.50
CA ASP B 229 33.48 -13.42 1.46
C ASP B 229 32.32 -12.50 1.09
N PHE B 230 31.09 -13.03 1.08
CA PHE B 230 29.93 -12.18 0.85
C PHE B 230 29.79 -11.12 1.92
N ASN B 231 29.98 -11.51 3.19
CA ASN B 231 29.72 -10.60 4.31
C ASN B 231 30.70 -9.44 4.32
N LEU B 232 31.96 -9.67 3.92
CA LEU B 232 32.89 -8.55 3.86
C LEU B 232 32.46 -7.56 2.78
N VAL B 233 31.94 -8.07 1.66
CA VAL B 233 31.41 -7.16 0.64
C VAL B 233 30.17 -6.46 1.17
N ALA B 234 29.27 -7.21 1.82
CA ALA B 234 28.05 -6.63 2.37
C ALA B 234 28.37 -5.52 3.37
N MET B 235 29.28 -5.79 4.31
CA MET B 235 29.53 -4.78 5.34
C MET B 235 30.14 -3.50 4.76
N LYS B 236 30.85 -3.59 3.63
CA LYS B 236 31.40 -2.37 3.06
C LYS B 236 30.30 -1.50 2.47
N TYR B 237 29.17 -2.08 2.05
CA TYR B 237 28.05 -1.33 1.52
C TYR B 237 26.97 -1.04 2.57
N ASN B 238 27.30 -1.19 3.86
CA ASN B 238 26.38 -0.90 4.97
C ASN B 238 25.16 -1.83 4.94
N TYR B 239 25.37 -3.07 4.52
CA TYR B 239 24.42 -4.16 4.65
C TYR B 239 24.77 -4.96 5.91
N GLU B 240 23.75 -5.50 6.55
CA GLU B 240 24.08 -6.27 7.72
C GLU B 240 24.62 -7.64 7.35
N PRO B 241 25.53 -8.19 8.17
CA PRO B 241 26.12 -9.50 7.86
C PRO B 241 25.04 -10.57 7.89
N LEU B 242 25.21 -11.58 7.04
CA LEU B 242 24.24 -12.67 6.94
C LEU B 242 24.67 -13.80 7.87
N THR B 243 23.78 -14.18 8.78
CA THR B 243 24.05 -15.24 9.75
C THR B 243 23.56 -16.58 9.21
N GLN B 244 23.91 -17.64 9.92
CA GLN B 244 23.46 -18.95 9.48
C GLN B 244 21.95 -19.11 9.69
N ASP B 245 21.39 -18.46 10.73
CA ASP B 245 19.94 -18.42 10.86
C ASP B 245 19.28 -17.78 9.64
N HIS B 246 19.88 -16.71 9.11
CA HIS B 246 19.37 -16.07 7.90
C HIS B 246 19.39 -17.03 6.72
N VAL B 247 20.52 -17.73 6.55
CA VAL B 247 20.63 -18.69 5.45
C VAL B 247 19.54 -19.76 5.58
N ASP B 248 19.33 -20.29 6.78
CA ASP B 248 18.32 -21.33 6.99
C ASP B 248 16.91 -20.83 6.74
N ILE B 249 16.61 -19.59 7.12
CA ILE B 249 15.29 -19.01 6.91
C ILE B 249 14.93 -18.95 5.43
N LEU B 250 15.94 -18.81 4.57
CA LEU B 250 15.74 -18.74 3.13
C LEU B 250 15.70 -20.11 2.45
N GLY B 251 15.83 -21.19 3.22
CA GLY B 251 15.75 -22.53 2.68
C GLY B 251 14.56 -22.80 1.77
N PRO B 252 13.34 -22.59 2.26
CA PRO B 252 12.16 -22.88 1.43
C PRO B 252 12.12 -22.11 0.12
N LEU B 253 12.51 -20.84 0.11
CA LEU B 253 12.53 -20.09 -1.14
C LEU B 253 13.61 -20.59 -2.08
N SER B 254 14.76 -20.99 -1.51
CA SER B 254 15.83 -21.59 -2.31
C SER B 254 15.37 -22.89 -2.95
N ALA B 255 14.66 -23.73 -2.18
CA ALA B 255 14.15 -24.98 -2.73
C ALA B 255 13.12 -24.76 -3.85
N GLN B 256 12.27 -23.74 -3.71
CA GLN B 256 11.20 -23.56 -4.70
C GLN B 256 11.77 -23.05 -6.02
N THR B 257 12.78 -22.18 -5.97
CA THR B 257 13.39 -21.59 -7.16
C THR B 257 14.55 -22.39 -7.72
N GLY B 258 15.16 -23.26 -6.91
CA GLY B 258 16.37 -23.96 -7.30
C GLY B 258 17.64 -23.13 -7.29
N ILE B 259 17.60 -21.92 -6.73
CA ILE B 259 18.79 -21.08 -6.63
C ILE B 259 19.35 -21.23 -5.22
N ALA B 260 20.57 -21.75 -5.12
CA ALA B 260 21.21 -21.85 -3.82
C ALA B 260 21.37 -20.47 -3.19
N VAL B 261 21.27 -20.43 -1.86
CA VAL B 261 21.35 -19.15 -1.15
C VAL B 261 22.68 -18.46 -1.43
N LEU B 262 23.78 -19.21 -1.41
CA LEU B 262 25.07 -18.56 -1.67
C LEU B 262 25.20 -18.15 -3.14
N ASP B 263 24.45 -18.79 -4.04
CA ASP B 263 24.39 -18.31 -5.42
C ASP B 263 23.64 -16.99 -5.52
N MET B 264 22.49 -16.87 -4.85
CA MET B 264 21.87 -15.55 -4.68
C MET B 264 22.78 -14.52 -4.07
N CYS B 265 23.57 -14.90 -3.06
CA CYS B 265 24.49 -13.94 -2.46
C CYS B 265 25.53 -13.45 -3.47
N ALA B 266 26.01 -14.34 -4.34
CA ALA B 266 26.92 -13.91 -5.39
C ALA B 266 26.24 -12.96 -6.36
N SER B 267 24.95 -13.15 -6.62
CA SER B 267 24.25 -12.20 -7.48
C SER B 267 24.08 -10.85 -6.80
N LEU B 268 23.74 -10.86 -5.50
CA LEU B 268 23.61 -9.60 -4.78
C LEU B 268 24.94 -8.86 -4.73
N LYS B 269 26.03 -9.59 -4.52
CA LYS B 269 27.34 -8.96 -4.45
C LYS B 269 27.65 -8.17 -5.72
N GLU B 270 27.32 -8.73 -6.89
CA GLU B 270 27.58 -7.98 -8.11
C GLU B 270 26.62 -6.80 -8.28
N LEU B 271 25.37 -6.93 -7.83
CA LEU B 271 24.48 -5.78 -7.85
C LEU B 271 25.02 -4.64 -6.99
N LEU B 272 25.64 -4.97 -5.86
CA LEU B 272 26.18 -3.94 -4.98
C LEU B 272 27.42 -3.29 -5.59
N GLN B 273 28.23 -4.08 -6.28
CA GLN B 273 29.51 -3.57 -6.78
C GLN B 273 29.36 -2.85 -8.10
N ASN B 274 28.33 -3.18 -8.89
CA ASN B 274 28.18 -2.66 -10.25
C ASN B 274 26.88 -1.91 -10.49
N GLY B 275 25.97 -1.85 -9.52
CA GLY B 275 24.70 -1.18 -9.71
C GLY B 275 23.76 -2.03 -10.56
N MET B 276 22.54 -1.51 -10.75
CA MET B 276 21.54 -2.21 -11.55
C MET B 276 21.54 -1.83 -13.02
N ASN B 277 22.46 -0.97 -13.46
CA ASN B 277 22.67 -0.69 -14.88
C ASN B 277 21.40 -0.17 -15.54
N GLY B 278 20.69 0.70 -14.83
CA GLY B 278 19.48 1.27 -15.39
C GLY B 278 18.32 0.33 -15.53
N ARG B 279 18.43 -0.86 -14.96
CA ARG B 279 17.40 -1.88 -15.02
C ARG B 279 16.57 -1.86 -13.75
N THR B 280 15.39 -2.47 -13.82
CA THR B 280 14.54 -2.63 -12.67
C THR B 280 14.44 -4.11 -12.33
N ILE B 281 14.08 -4.36 -11.08
CA ILE B 281 13.74 -5.70 -10.58
C ILE B 281 12.38 -5.57 -9.94
N LEU B 282 11.39 -6.32 -10.45
CA LEU B 282 10.03 -6.24 -9.96
C LEU B 282 9.54 -4.79 -9.95
N GLY B 283 9.87 -4.07 -11.01
CA GLY B 283 9.49 -2.68 -11.18
C GLY B 283 10.29 -1.67 -10.37
N SER B 284 11.19 -2.12 -9.50
CA SER B 284 11.89 -1.25 -8.57
C SER B 284 13.25 -0.86 -9.12
N ALA B 285 13.58 0.43 -9.01
CA ALA B 285 14.92 0.90 -9.38
C ALA B 285 15.83 1.02 -8.16
N LEU B 286 15.78 0.04 -7.26
CA LEU B 286 16.58 0.01 -6.04
C LEU B 286 16.44 -1.39 -5.49
N LEU B 287 17.29 -1.74 -4.52
CA LEU B 287 17.23 -3.04 -3.87
C LEU B 287 16.31 -2.93 -2.65
N GLU B 288 15.14 -3.56 -2.74
CA GLU B 288 14.12 -3.45 -1.70
C GLU B 288 14.47 -4.34 -0.53
N ASP B 289 14.36 -3.80 0.69
CA ASP B 289 14.70 -4.57 1.89
C ASP B 289 13.56 -4.62 2.90
N GLU B 290 12.32 -4.34 2.50
CA GLU B 290 11.20 -4.40 3.44
C GLU B 290 10.17 -5.48 3.06
N PHE B 291 10.65 -6.61 2.51
CA PHE B 291 9.88 -7.85 2.45
C PHE B 291 10.64 -8.90 3.23
N THR B 292 10.00 -9.50 4.24
CA THR B 292 10.60 -10.66 4.90
C THR B 292 10.42 -11.90 4.04
N PRO B 293 11.23 -12.94 4.28
CA PRO B 293 10.97 -14.21 3.61
C PRO B 293 9.54 -14.69 3.80
N PHE B 294 8.93 -14.42 4.95
CA PHE B 294 7.56 -14.87 5.18
C PHE B 294 6.57 -14.04 4.37
N ASP B 295 6.81 -12.72 4.24
CA ASP B 295 6.01 -11.87 3.37
C ASP B 295 5.97 -12.40 1.93
N VAL B 296 7.12 -12.88 1.43
CA VAL B 296 7.18 -13.39 0.07
C VAL B 296 6.30 -14.60 -0.09
N VAL B 297 6.38 -15.54 0.85
CA VAL B 297 5.60 -16.77 0.73
C VAL B 297 4.12 -16.46 0.87
N ARG B 298 3.78 -15.53 1.76
CA ARG B 298 2.38 -15.15 1.97
CA ARG B 298 2.38 -15.15 1.97
C ARG B 298 1.77 -14.55 0.71
N GLN B 299 2.50 -13.63 0.07
CA GLN B 299 1.96 -13.02 -1.13
C GLN B 299 1.95 -13.98 -2.31
N CYS B 300 3.03 -14.74 -2.51
CA CYS B 300 3.11 -15.59 -3.68
C CYS B 300 2.15 -16.78 -3.61
N SER B 301 1.62 -17.12 -2.44
CA SER B 301 0.71 -18.25 -2.31
C SER B 301 -0.74 -17.85 -2.14
N GLY B 302 -1.04 -16.54 -2.09
CA GLY B 302 -2.41 -16.07 -2.04
C GLY B 302 -3.15 -16.34 -0.74
N VAL B 303 -2.45 -16.23 0.39
CA VAL B 303 -3.08 -16.35 1.70
C VAL B 303 -4.13 -15.28 1.86
N THR B 304 -5.31 -15.67 2.37
CA THR B 304 -6.39 -14.72 2.59
C THR B 304 -6.74 -14.63 4.07
N PHE B 305 -7.51 -13.60 4.41
CA PHE B 305 -7.85 -13.34 5.81
C PHE B 305 -9.33 -13.03 6.07
#